data_7OPW
#
_entry.id   7OPW
#
_cell.length_a   81.981
_cell.length_b   110.495
_cell.length_c   61.228
_cell.angle_alpha   90.000
_cell.angle_beta   90.000
_cell.angle_gamma   90.000
#
_symmetry.space_group_name_H-M   'C 2 2 21'
#
loop_
_entity.id
_entity.type
_entity.pdbx_description
1 polymer '14-3-3 protein sigma'
2 polymer 'Estrogen receptor'
3 non-polymer ~{N}-[(5-carbamimidoyl-3-phenyl-thiophen-2-yl)methyl]-2,3-dihydro-1-benzofuran-5-carboxamide
4 non-polymer 'MAGNESIUM ION'
5 non-polymer 'CHLORIDE ION'
6 non-polymer BETA-MERCAPTOETHANOL
7 water water
#
loop_
_entity_poly.entity_id
_entity_poly.type
_entity_poly.pdbx_seq_one_letter_code
_entity_poly.pdbx_strand_id
1 'polypeptide(L)'
;GAMGSMERASLIQKAKLAEQAERYEDMAAFMKGAVEKGEELSCEERNLLSVAYKNVVGGQRAAWRVLSSIEQKSNEEGSE
EKGPEVREYREKVETELQGVCDTVLGLLDSHLIKEAGDAESRVFYLKMKGDYYRYLAEVATGDDKKRIIDSARSAYQEAM
DISKKEMPPTNPIRLGLALNFSVFHYEIANSPEEAISLAKTTFDEAMADLHTLSEDSYKDSTLIMQLLRDNLTLWTADNA
GEEGGEAPQEPQS
;
A
2 'polypeptide(L)' KYYITGEAEGFPA(TPO)V B
#
# COMPACT_ATOMS: atom_id res chain seq x y z
N GLY A 1 7.53 21.88 7.61
CA GLY A 1 8.28 20.61 7.55
C GLY A 1 9.56 20.65 8.35
N ALA A 2 9.64 19.79 9.39
CA ALA A 2 10.86 19.68 10.18
C ALA A 2 12.05 19.22 9.34
N MET A 3 11.79 18.63 8.18
CA MET A 3 12.83 18.19 7.26
C MET A 3 13.12 19.23 6.18
N GLY A 4 12.45 20.38 6.22
CA GLY A 4 12.62 21.37 5.17
C GLY A 4 14.02 21.93 5.05
N SER A 5 14.80 21.92 6.12
CA SER A 5 16.14 22.48 5.99
C SER A 5 17.18 21.45 5.56
N MET A 6 16.81 20.19 5.39
CA MET A 6 17.79 19.19 5.01
C MET A 6 17.79 18.99 3.50
N GLU A 7 18.98 18.77 2.94
CA GLU A 7 19.11 18.50 1.50
C GLU A 7 18.32 17.26 1.09
N ARG A 8 17.75 17.31 -0.12
CA ARG A 8 17.03 16.15 -0.64
C ARG A 8 17.90 14.91 -0.64
N ALA A 9 19.14 15.03 -1.15
CA ALA A 9 20.02 13.87 -1.23
C ALA A 9 20.34 13.34 0.17
N SER A 10 20.47 14.22 1.14
CA SER A 10 20.78 13.78 2.51
C SER A 10 19.61 13.04 3.11
N LEU A 11 18.40 13.48 2.80
CA LEU A 11 17.20 12.81 3.27
C LEU A 11 17.06 11.41 2.65
N ILE A 12 17.34 11.26 1.35
CA ILE A 12 17.30 9.92 0.75
C ILE A 12 18.35 9.05 1.42
N GLN A 13 19.57 9.56 1.56
CA GLN A 13 20.63 8.80 2.20
C GLN A 13 20.23 8.34 3.59
N LYS A 14 19.64 9.23 4.38
CA LYS A 14 19.27 8.90 5.75
C LYS A 14 18.08 7.96 5.81
N ALA A 15 17.16 8.06 4.85
CA ALA A 15 16.10 7.07 4.74
C ALA A 15 16.69 5.68 4.55
N LYS A 16 17.72 5.56 3.71
CA LYS A 16 18.33 4.26 3.50
C LYS A 16 19.04 3.77 4.75
N LEU A 17 19.66 4.68 5.50
CA LEU A 17 20.27 4.33 6.78
C LEU A 17 19.22 3.91 7.79
N ALA A 18 18.11 4.66 7.86
CA ALA A 18 17.05 4.30 8.80
C ALA A 18 16.52 2.92 8.50
N GLU A 19 16.44 2.57 7.20
CA GLU A 19 15.95 1.25 6.85
C GLU A 19 16.92 0.18 7.35
N GLN A 20 18.21 0.37 7.14
CA GLN A 20 19.18 -0.61 7.66
C GLN A 20 19.07 -0.75 9.17
N ALA A 21 18.73 0.33 9.87
CA ALA A 21 18.59 0.35 11.31
C ALA A 21 17.19 -0.06 11.79
N GLU A 22 16.29 -0.41 10.88
CA GLU A 22 14.91 -0.78 11.18
C GLU A 22 14.23 0.34 11.99
N ARG A 23 14.56 1.56 11.59
CA ARG A 23 13.99 2.77 12.18
C ARG A 23 12.97 3.34 11.20
N TYR A 24 11.79 2.72 11.16
CA TYR A 24 10.90 3.00 10.05
C TYR A 24 10.14 4.29 10.22
N GLU A 25 9.90 4.73 11.45
CA GLU A 25 9.32 6.06 11.64
C GLU A 25 10.26 7.14 11.10
N ASP A 26 11.54 7.07 11.49
CA ASP A 26 12.53 7.97 10.92
C ASP A 26 12.52 7.88 9.41
N MET A 27 12.54 6.65 8.90
CA MET A 27 12.57 6.43 7.46
C MET A 27 11.42 7.15 6.78
N ALA A 28 10.23 7.02 7.34
CA ALA A 28 9.07 7.66 6.75
C ALA A 28 9.16 9.17 6.85
N ALA A 29 9.67 9.69 7.97
CA ALA A 29 9.81 11.14 8.11
C ALA A 29 10.80 11.67 7.08
N PHE A 30 11.88 10.93 6.84
CA PHE A 30 12.85 11.34 5.85
C PHE A 30 12.24 11.35 4.45
N MET A 31 11.47 10.31 4.11
CA MET A 31 10.90 10.25 2.77
C MET A 31 9.79 11.28 2.60
N LYS A 32 9.01 11.56 3.66
CA LYS A 32 8.08 12.68 3.60
C LYS A 32 8.81 13.98 3.27
N GLY A 33 9.93 14.23 3.95
CA GLY A 33 10.72 15.41 3.64
C GLY A 33 11.20 15.41 2.20
N ALA A 34 11.67 14.25 1.71
CA ALA A 34 12.09 14.17 0.33
C ALA A 34 10.93 14.48 -0.61
N VAL A 35 9.77 13.89 -0.35
CA VAL A 35 8.62 14.15 -1.21
C VAL A 35 8.29 15.64 -1.22
N GLU A 36 8.39 16.31 -0.08
CA GLU A 36 7.97 17.70 0.02
C GLU A 36 8.93 18.66 -0.66
N LYS A 37 10.10 18.18 -1.09
CA LYS A 37 11.00 18.97 -1.92
C LYS A 37 10.37 19.31 -3.26
N GLY A 38 9.38 18.53 -3.70
CA GLY A 38 8.63 18.83 -4.90
C GLY A 38 9.15 18.24 -6.19
N GLU A 39 10.21 17.46 -6.14
CA GLU A 39 10.73 16.79 -7.33
C GLU A 39 10.17 15.37 -7.37
N GLU A 40 10.20 14.78 -8.54
CA GLU A 40 9.56 13.48 -8.64
C GLU A 40 10.47 12.44 -7.96
N LEU A 41 9.87 11.35 -7.54
CA LEU A 41 10.61 10.29 -6.90
C LEU A 41 11.02 9.27 -7.94
N SER A 42 12.25 8.78 -7.84
CA SER A 42 12.68 7.69 -8.71
C SER A 42 12.04 6.37 -8.27
N CYS A 43 12.21 5.33 -9.10
CA CYS A 43 11.68 4.04 -8.71
C CYS A 43 12.21 3.60 -7.35
N GLU A 44 13.53 3.69 -7.13
CA GLU A 44 14.08 3.32 -5.84
C GLU A 44 13.48 4.18 -4.72
N GLU A 45 13.31 5.48 -4.98
CA GLU A 45 12.77 6.38 -3.97
C GLU A 45 11.31 6.08 -3.67
N ARG A 46 10.54 5.67 -4.69
CA ARG A 46 9.16 5.28 -4.44
C ARG A 46 9.10 4.06 -3.55
N ASN A 47 9.97 3.09 -3.82
CA ASN A 47 10.07 1.93 -2.96
C ASN A 47 10.45 2.34 -1.53
N LEU A 48 11.37 3.31 -1.37
CA LEU A 48 11.72 3.73 -0.03
C LEU A 48 10.53 4.36 0.69
N LEU A 49 9.78 5.20 -0.02
CA LEU A 49 8.57 5.78 0.56
C LEU A 49 7.58 4.70 0.97
N SER A 50 7.29 3.78 0.05
N SER A 50 7.30 3.78 0.05
CA SER A 50 6.27 2.77 0.33
CA SER A 50 6.29 2.76 0.28
C SER A 50 6.70 1.84 1.46
C SER A 50 6.69 1.83 1.42
N VAL A 51 7.96 1.41 1.45
CA VAL A 51 8.45 0.53 2.50
C VAL A 51 8.31 1.18 3.87
N ALA A 52 8.74 2.44 3.98
CA ALA A 52 8.72 3.12 5.27
C ALA A 52 7.30 3.19 5.83
N TYR A 53 6.36 3.69 5.04
CA TYR A 53 5.01 3.86 5.55
C TYR A 53 4.28 2.51 5.72
N LYS A 54 4.58 1.53 4.87
CA LYS A 54 3.99 0.21 5.06
C LYS A 54 4.39 -0.36 6.41
N ASN A 55 5.67 -0.23 6.78
CA ASN A 55 6.12 -0.70 8.08
C ASN A 55 5.43 0.08 9.19
N VAL A 56 5.41 1.42 9.10
CA VAL A 56 4.79 2.20 10.18
C VAL A 56 3.34 1.80 10.35
N VAL A 57 2.53 1.91 9.28
CA VAL A 57 1.12 1.63 9.42
C VAL A 57 0.88 0.15 9.68
N GLY A 58 1.80 -0.70 9.23
CA GLY A 58 1.67 -2.12 9.51
C GLY A 58 1.67 -2.40 11.01
N GLY A 59 2.60 -1.75 11.73
CA GLY A 59 2.65 -1.92 13.17
C GLY A 59 1.42 -1.35 13.86
N GLN A 60 0.91 -0.23 13.36
CA GLN A 60 -0.30 0.33 13.93
C GLN A 60 -1.50 -0.57 13.69
N ARG A 61 -1.61 -1.15 12.49
CA ARG A 61 -2.72 -2.06 12.20
C ARG A 61 -2.66 -3.29 13.09
N ALA A 62 -1.48 -3.88 13.24
CA ALA A 62 -1.32 -5.02 14.11
C ALA A 62 -1.74 -4.68 15.53
N ALA A 63 -1.33 -3.50 16.02
CA ALA A 63 -1.74 -3.08 17.35
C ALA A 63 -3.25 -2.90 17.42
N TRP A 64 -3.82 -2.21 16.41
CA TRP A 64 -5.25 -1.96 16.41
C TRP A 64 -6.05 -3.26 16.45
N ARG A 65 -5.59 -4.28 15.72
CA ARG A 65 -6.29 -5.57 15.71
C ARG A 65 -6.26 -6.21 17.08
N VAL A 66 -5.11 -6.18 17.74
CA VAL A 66 -5.01 -6.75 19.08
C VAL A 66 -5.97 -6.05 20.02
N LEU A 67 -5.98 -4.72 20.00
CA LEU A 67 -6.83 -3.99 20.93
C LEU A 67 -8.31 -4.18 20.59
N SER A 68 -8.64 -4.19 19.30
CA SER A 68 -10.03 -4.38 18.88
C SER A 68 -10.55 -5.75 19.30
N SER A 69 -9.71 -6.79 19.17
CA SER A 69 -10.08 -8.10 19.66
C SER A 69 -10.34 -8.04 21.17
N ILE A 70 -9.44 -7.42 21.93
CA ILE A 70 -9.65 -7.29 23.36
C ILE A 70 -10.94 -6.52 23.65
N GLU A 71 -11.16 -5.45 22.89
CA GLU A 71 -12.36 -4.65 23.08
C GLU A 71 -13.62 -5.48 22.87
N GLN A 72 -13.63 -6.30 21.81
CA GLN A 72 -14.82 -7.07 21.47
C GLN A 72 -15.08 -8.16 22.50
N LYS A 73 -14.02 -8.75 23.07
CA LYS A 73 -14.20 -9.69 24.18
C LYS A 73 -14.83 -9.00 25.38
N SER A 74 -14.29 -7.86 25.81
CA SER A 74 -14.81 -7.14 26.98
C SER A 74 -16.21 -6.58 26.75
N ASN A 75 -16.82 -6.82 25.58
CA ASN A 75 -18.14 -6.27 25.26
C ASN A 75 -19.19 -7.37 25.17
N GLY A 83 -14.25 -0.84 32.29
CA GLY A 83 -14.04 0.59 32.17
C GLY A 83 -13.74 1.07 30.76
N PRO A 84 -13.53 2.39 30.61
CA PRO A 84 -13.36 2.95 29.26
C PRO A 84 -11.98 2.72 28.64
N GLU A 85 -11.05 2.06 29.34
CA GLU A 85 -9.65 2.12 28.97
C GLU A 85 -9.35 1.43 27.65
N VAL A 86 -9.84 0.20 27.48
CA VAL A 86 -9.62 -0.53 26.23
C VAL A 86 -10.09 0.29 25.04
N ARG A 87 -11.33 0.78 25.12
CA ARG A 87 -11.86 1.61 24.05
C ARG A 87 -11.00 2.84 23.84
N GLU A 88 -10.65 3.54 24.91
CA GLU A 88 -9.86 4.76 24.78
C GLU A 88 -8.54 4.47 24.06
N TYR A 89 -7.86 3.39 24.43
CA TYR A 89 -6.52 3.14 23.91
C TYR A 89 -6.61 2.64 22.47
N ARG A 90 -7.63 1.83 22.16
CA ARG A 90 -7.88 1.47 20.76
C ARG A 90 -8.12 2.74 19.94
N GLU A 91 -8.97 3.64 20.44
CA GLU A 91 -9.24 4.89 19.76
C GLU A 91 -7.97 5.71 19.56
N LYS A 92 -7.07 5.68 20.53
CA LYS A 92 -5.82 6.42 20.40
C LYS A 92 -4.98 5.88 19.25
N VAL A 93 -4.74 4.58 19.23
CA VAL A 93 -4.00 3.94 18.14
C VAL A 93 -4.71 4.18 16.82
N GLU A 94 -6.03 4.06 16.82
CA GLU A 94 -6.82 4.28 15.62
C GLU A 94 -6.62 5.69 15.07
N THR A 95 -6.71 6.70 15.93
CA THR A 95 -6.48 8.07 15.51
C THR A 95 -5.07 8.27 14.96
N GLU A 96 -4.07 7.65 15.59
CA GLU A 96 -2.72 7.77 15.11
C GLU A 96 -2.56 7.10 13.74
N LEU A 97 -3.22 5.96 13.57
CA LEU A 97 -3.23 5.25 12.29
C LEU A 97 -3.92 6.09 11.21
N GLN A 98 -5.07 6.67 11.53
CA GLN A 98 -5.74 7.53 10.56
C GLN A 98 -4.88 8.73 10.20
N GLY A 99 -4.10 9.26 11.13
CA GLY A 99 -3.25 10.39 10.82
C GLY A 99 -2.10 10.04 9.90
N VAL A 100 -1.50 8.85 10.07
CA VAL A 100 -0.50 8.38 9.12
C VAL A 100 -1.14 8.20 7.75
N CYS A 101 -2.33 7.57 7.69
CA CYS A 101 -2.98 7.41 6.39
C CYS A 101 -3.29 8.76 5.74
N ASP A 102 -3.78 9.73 6.52
CA ASP A 102 -4.04 11.06 5.98
C ASP A 102 -2.75 11.72 5.49
N THR A 103 -1.64 11.53 6.21
CA THR A 103 -0.38 12.09 5.78
C THR A 103 0.03 11.52 4.43
N VAL A 104 -0.07 10.20 4.28
CA VAL A 104 0.31 9.59 3.02
C VAL A 104 -0.62 10.05 1.90
N LEU A 105 -1.94 10.01 2.13
CA LEU A 105 -2.87 10.44 1.09
C LEU A 105 -2.63 11.90 0.73
N GLY A 106 -2.23 12.71 1.72
CA GLY A 106 -1.91 14.11 1.45
C GLY A 106 -0.71 14.28 0.53
N LEU A 107 0.34 13.49 0.75
CA LEU A 107 1.48 13.51 -0.15
C LEU A 107 1.07 13.10 -1.55
N LEU A 108 0.26 12.05 -1.66
CA LEU A 108 -0.17 11.57 -2.97
C LEU A 108 -0.99 12.63 -3.68
N ASP A 109 -1.86 13.29 -2.93
CA ASP A 109 -2.72 14.32 -3.51
C ASP A 109 -2.01 15.65 -3.71
N SER A 110 -0.89 15.89 -2.99
CA SER A 110 -0.17 17.17 -3.06
C SER A 110 1.34 16.92 -3.07
N HIS A 111 1.90 16.55 -4.22
CA HIS A 111 1.24 16.52 -5.51
C HIS A 111 1.82 15.34 -6.32
N LEU A 112 2.06 14.21 -5.65
CA LEU A 112 2.76 13.09 -6.30
C LEU A 112 1.97 12.56 -7.49
N ILE A 113 0.67 12.36 -7.31
CA ILE A 113 -0.13 11.74 -8.36
C ILE A 113 -0.18 12.63 -9.59
N LYS A 114 -0.51 13.92 -9.41
CA LYS A 114 -0.65 14.75 -10.60
C LYS A 114 0.68 14.98 -11.32
N GLU A 115 1.79 14.91 -10.60
CA GLU A 115 3.09 15.17 -11.21
C GLU A 115 3.74 13.89 -11.74
N ALA A 116 3.09 12.75 -11.57
CA ALA A 116 3.59 11.46 -12.07
C ALA A 116 3.28 11.39 -13.56
N GLY A 117 4.28 11.70 -14.38
CA GLY A 117 4.12 11.80 -15.82
C GLY A 117 4.38 10.53 -16.60
N ASP A 118 4.62 9.44 -15.89
CA ASP A 118 4.84 8.11 -16.43
C ASP A 118 3.72 7.19 -15.99
N ALA A 119 3.43 6.15 -16.76
CA ALA A 119 2.51 5.12 -16.28
C ALA A 119 3.07 4.45 -15.04
N GLU A 120 4.37 4.11 -15.07
CA GLU A 120 5.02 3.45 -13.95
C GLU A 120 4.78 4.20 -12.64
N SER A 121 5.00 5.51 -12.64
CA SER A 121 4.96 6.22 -11.37
C SER A 121 3.52 6.47 -10.95
N ARG A 122 2.66 6.77 -11.91
CA ARG A 122 1.25 6.99 -11.59
C ARG A 122 0.58 5.73 -11.08
N VAL A 123 0.87 4.57 -11.66
CA VAL A 123 0.29 3.34 -11.14
C VAL A 123 0.75 3.11 -9.71
N PHE A 124 2.05 3.29 -9.48
CA PHE A 124 2.63 3.11 -8.15
C PHE A 124 1.89 3.95 -7.12
N TYR A 125 1.66 5.24 -7.44
CA TYR A 125 1.01 6.13 -6.49
C TYR A 125 -0.47 5.83 -6.35
N LEU A 126 -1.12 5.44 -7.45
CA LEU A 126 -2.53 5.10 -7.38
C LEU A 126 -2.76 3.83 -6.56
N LYS A 127 -1.86 2.86 -6.68
CA LYS A 127 -1.92 1.70 -5.80
C LYS A 127 -1.79 2.12 -4.33
N MET A 128 -0.81 2.96 -4.03
CA MET A 128 -0.67 3.45 -2.67
C MET A 128 -1.94 4.11 -2.18
N LYS A 129 -2.55 4.93 -3.03
CA LYS A 129 -3.79 5.59 -2.63
C LYS A 129 -4.85 4.57 -2.25
N GLY A 130 -4.98 3.49 -3.02
CA GLY A 130 -5.94 2.46 -2.69
C GLY A 130 -5.59 1.76 -1.38
N ASP A 131 -4.32 1.46 -1.19
CA ASP A 131 -3.86 0.85 0.05
C ASP A 131 -4.22 1.71 1.28
N TYR A 132 -3.94 3.02 1.23
CA TYR A 132 -4.15 3.84 2.43
C TYR A 132 -5.63 4.15 2.66
N TYR A 133 -6.42 4.23 1.59
CA TYR A 133 -7.88 4.22 1.80
C TYR A 133 -8.33 2.87 2.33
N ARG A 134 -7.75 1.77 1.84
CA ARG A 134 -8.07 0.46 2.41
C ARG A 134 -7.80 0.45 3.92
N TYR A 135 -6.65 0.98 4.34
CA TYR A 135 -6.35 0.93 5.76
C TYR A 135 -7.31 1.79 6.56
N LEU A 136 -7.72 2.94 6.00
CA LEU A 136 -8.78 3.72 6.64
C LEU A 136 -10.07 2.92 6.71
N ALA A 137 -10.41 2.20 5.64
CA ALA A 137 -11.64 1.42 5.65
C ALA A 137 -11.63 0.40 6.78
N GLU A 138 -10.48 -0.19 7.06
CA GLU A 138 -10.41 -1.26 8.06
C GLU A 138 -10.91 -0.79 9.42
N VAL A 139 -10.74 0.49 9.75
CA VAL A 139 -11.11 1.01 11.05
C VAL A 139 -12.35 1.89 10.99
N ALA A 140 -12.91 2.12 9.82
CA ALA A 140 -14.05 3.02 9.69
C ALA A 140 -15.35 2.27 9.98
N THR A 141 -16.37 3.02 10.42
CA THR A 141 -17.53 2.35 11.00
C THR A 141 -18.85 3.08 10.70
N GLY A 142 -19.03 3.59 9.49
CA GLY A 142 -20.31 4.21 9.20
C GLY A 142 -20.63 4.53 7.76
N ASP A 143 -21.31 5.67 7.53
CA ASP A 143 -21.47 6.17 6.17
C ASP A 143 -20.14 6.69 5.64
N ASP A 144 -19.21 7.08 6.52
CA ASP A 144 -17.85 7.36 6.10
C ASP A 144 -17.17 6.11 5.58
N LYS A 145 -17.50 4.95 6.15
CA LYS A 145 -16.91 3.70 5.68
C LYS A 145 -17.22 3.47 4.21
N LYS A 146 -18.45 3.75 3.79
CA LYS A 146 -18.84 3.46 2.40
C LYS A 146 -18.10 4.36 1.42
N ARG A 147 -17.99 5.65 1.74
CA ARG A 147 -17.23 6.57 0.89
C ARG A 147 -15.76 6.17 0.81
N ILE A 148 -15.17 5.76 1.95
CA ILE A 148 -13.78 5.33 1.93
C ILE A 148 -13.62 4.10 1.05
N ILE A 149 -14.54 3.14 1.18
CA ILE A 149 -14.47 1.92 0.39
C ILE A 149 -14.52 2.25 -1.10
N ASP A 150 -15.44 3.12 -1.49
CA ASP A 150 -15.56 3.44 -2.91
C ASP A 150 -14.34 4.21 -3.41
N SER A 151 -13.80 5.10 -2.58
CA SER A 151 -12.57 5.80 -2.95
C SER A 151 -11.39 4.83 -3.14
N ALA A 152 -11.27 3.83 -2.26
CA ALA A 152 -10.21 2.84 -2.45
C ALA A 152 -10.42 2.10 -3.76
N ARG A 153 -11.65 1.63 -4.03
CA ARG A 153 -11.90 0.88 -5.26
C ARG A 153 -11.58 1.73 -6.49
N SER A 154 -11.99 3.00 -6.49
N SER A 154 -12.00 3.00 -6.49
CA SER A 154 -11.74 3.86 -7.64
CA SER A 154 -11.75 3.87 -7.64
C SER A 154 -10.25 4.04 -7.88
C SER A 154 -10.26 4.06 -7.88
N ALA A 155 -9.49 4.28 -6.82
CA ALA A 155 -8.04 4.41 -6.96
C ALA A 155 -7.43 3.12 -7.52
N TYR A 156 -7.77 1.98 -6.91
CA TYR A 156 -7.25 0.70 -7.37
C TYR A 156 -7.61 0.45 -8.83
N GLN A 157 -8.87 0.69 -9.20
CA GLN A 157 -9.33 0.37 -10.55
C GLN A 157 -8.66 1.27 -11.58
N GLU A 158 -8.49 2.55 -11.28
CA GLU A 158 -7.73 3.41 -12.19
C GLU A 158 -6.31 2.89 -12.37
N ALA A 159 -5.65 2.48 -11.28
CA ALA A 159 -4.31 1.92 -11.41
C ALA A 159 -4.33 0.65 -12.27
N MET A 160 -5.34 -0.19 -12.09
CA MET A 160 -5.47 -1.41 -12.90
C MET A 160 -5.59 -1.08 -14.38
N ASP A 161 -6.47 -0.12 -14.72
CA ASP A 161 -6.67 0.27 -16.11
C ASP A 161 -5.37 0.72 -16.75
N ILE A 162 -4.63 1.60 -16.08
CA ILE A 162 -3.34 2.06 -16.61
C ILE A 162 -2.36 0.91 -16.72
N SER A 163 -2.26 0.09 -15.67
CA SER A 163 -1.28 -0.98 -15.64
C SER A 163 -1.52 -1.97 -16.77
N LYS A 164 -2.79 -2.25 -17.08
CA LYS A 164 -3.09 -3.19 -18.15
C LYS A 164 -2.78 -2.61 -19.52
N LYS A 165 -2.87 -1.29 -19.67
CA LYS A 165 -2.53 -0.66 -20.93
C LYS A 165 -1.03 -0.52 -21.12
N GLU A 166 -0.27 -0.32 -20.04
CA GLU A 166 1.11 0.19 -20.15
C GLU A 166 2.19 -0.67 -19.53
N MET A 167 1.85 -1.76 -18.87
CA MET A 167 2.84 -2.60 -18.23
C MET A 167 2.57 -4.05 -18.63
N PRO A 168 3.61 -4.86 -18.74
CA PRO A 168 3.41 -6.29 -18.98
C PRO A 168 2.82 -6.97 -17.77
N PRO A 169 2.21 -8.13 -17.95
CA PRO A 169 1.53 -8.81 -16.84
C PRO A 169 2.47 -9.31 -15.76
N THR A 170 3.77 -9.31 -15.99
CA THR A 170 4.75 -9.71 -14.97
C THR A 170 5.36 -8.54 -14.22
N ASN A 171 5.01 -7.32 -14.56
CA ASN A 171 5.58 -6.16 -13.88
CA ASN A 171 5.58 -6.16 -13.88
C ASN A 171 5.25 -6.24 -12.39
N PRO A 172 6.26 -6.12 -11.50
CA PRO A 172 5.98 -6.36 -10.08
C PRO A 172 5.06 -5.35 -9.46
N ILE A 173 5.01 -4.12 -9.99
CA ILE A 173 4.06 -3.16 -9.45
C ILE A 173 2.65 -3.51 -9.92
N ARG A 174 2.51 -3.93 -11.18
CA ARG A 174 1.20 -4.41 -11.61
C ARG A 174 0.77 -5.59 -10.76
N LEU A 175 1.69 -6.53 -10.52
CA LEU A 175 1.35 -7.72 -9.74
C LEU A 175 0.98 -7.35 -8.30
N GLY A 176 1.77 -6.49 -7.65
CA GLY A 176 1.46 -6.10 -6.28
C GLY A 176 0.13 -5.37 -6.20
N LEU A 177 -0.15 -4.50 -7.18
CA LEU A 177 -1.44 -3.83 -7.26
C LEU A 177 -2.58 -4.83 -7.26
N ALA A 178 -2.51 -5.83 -8.14
CA ALA A 178 -3.58 -6.82 -8.24
C ALA A 178 -3.71 -7.63 -6.97
N LEU A 179 -2.57 -8.02 -6.40
CA LEU A 179 -2.59 -8.73 -5.12
C LEU A 179 -3.38 -7.94 -4.09
N ASN A 180 -3.05 -6.66 -3.92
CA ASN A 180 -3.68 -5.86 -2.89
C ASN A 180 -5.14 -5.54 -3.22
N PHE A 181 -5.42 -5.20 -4.49
CA PHE A 181 -6.82 -4.97 -4.90
C PHE A 181 -7.66 -6.21 -4.62
N SER A 182 -7.08 -7.38 -4.87
CA SER A 182 -7.76 -8.64 -4.59
C SER A 182 -8.08 -8.78 -3.11
N VAL A 183 -7.11 -8.48 -2.24
CA VAL A 183 -7.36 -8.51 -0.80
C VAL A 183 -8.43 -7.49 -0.41
N PHE A 184 -8.37 -6.29 -1.00
CA PHE A 184 -9.42 -5.31 -0.78
C PHE A 184 -10.79 -5.92 -1.06
N HIS A 185 -10.96 -6.56 -2.23
CA HIS A 185 -12.25 -7.17 -2.54
C HIS A 185 -12.64 -8.20 -1.49
N TYR A 186 -11.69 -9.05 -1.06
CA TYR A 186 -12.03 -10.13 -0.15
C TYR A 186 -12.38 -9.59 1.23
N GLU A 187 -11.52 -8.73 1.77
CA GLU A 187 -11.56 -8.35 3.17
C GLU A 187 -12.36 -7.10 3.45
N ILE A 188 -12.45 -6.18 2.49
CA ILE A 188 -13.08 -4.88 2.69
C ILE A 188 -14.45 -4.82 2.00
N ALA A 189 -14.52 -5.26 0.75
CA ALA A 189 -15.67 -5.03 -0.11
C ALA A 189 -16.71 -6.16 -0.02
N ASN A 190 -16.45 -7.19 0.77
CA ASN A 190 -17.31 -8.38 0.83
C ASN A 190 -17.61 -8.91 -0.57
N SER A 191 -16.55 -9.02 -1.39
CA SER A 191 -16.66 -9.49 -2.77
C SER A 191 -15.64 -10.60 -2.98
N PRO A 192 -15.77 -11.71 -2.25
CA PRO A 192 -14.75 -12.76 -2.31
C PRO A 192 -14.62 -13.39 -3.68
N GLU A 193 -15.69 -13.43 -4.46
CA GLU A 193 -15.62 -13.93 -5.83
C GLU A 193 -14.73 -13.06 -6.68
N GLU A 194 -14.93 -11.74 -6.57
CA GLU A 194 -14.07 -10.80 -7.27
C GLU A 194 -12.60 -11.00 -6.88
N ALA A 195 -12.34 -11.14 -5.57
CA ALA A 195 -10.98 -11.34 -5.09
C ALA A 195 -10.34 -12.58 -5.69
N ILE A 196 -11.09 -13.68 -5.76
CA ILE A 196 -10.55 -14.93 -6.30
C ILE A 196 -10.29 -14.78 -7.80
N SER A 197 -11.26 -14.22 -8.52
CA SER A 197 -11.12 -14.05 -9.97
C SER A 197 -9.94 -13.15 -10.32
N LEU A 198 -9.72 -12.08 -9.55
CA LEU A 198 -8.59 -11.21 -9.88
C LEU A 198 -7.26 -11.88 -9.58
N ALA A 199 -7.15 -12.55 -8.43
CA ALA A 199 -5.87 -13.19 -8.10
C ALA A 199 -5.53 -14.29 -9.11
N LYS A 200 -6.54 -15.07 -9.50
CA LYS A 200 -6.34 -16.18 -10.42
C LYS A 200 -5.95 -15.69 -11.80
N THR A 201 -6.71 -14.75 -12.36
CA THR A 201 -6.38 -14.20 -13.67
C THR A 201 -5.00 -13.56 -13.65
N THR A 202 -4.69 -12.82 -12.58
CA THR A 202 -3.38 -12.20 -12.47
C THR A 202 -2.27 -13.25 -12.44
N PHE A 203 -2.46 -14.30 -11.64
CA PHE A 203 -1.45 -15.35 -11.55
C PHE A 203 -1.25 -16.01 -12.91
N ASP A 204 -2.34 -16.40 -13.58
CA ASP A 204 -2.23 -17.13 -14.85
C ASP A 204 -1.59 -16.27 -15.93
N GLU A 205 -1.95 -14.99 -16.00
CA GLU A 205 -1.38 -14.17 -17.04
C GLU A 205 0.09 -13.89 -16.79
N ALA A 206 0.49 -13.77 -15.53
CA ALA A 206 1.91 -13.65 -15.21
C ALA A 206 2.66 -14.93 -15.57
N MET A 207 2.11 -16.08 -15.19
CA MET A 207 2.82 -17.33 -15.49
C MET A 207 3.10 -17.45 -16.98
N ALA A 208 2.11 -17.09 -17.81
CA ALA A 208 2.24 -17.21 -19.25
C ALA A 208 3.24 -16.24 -19.85
N ASP A 209 3.69 -15.25 -19.07
CA ASP A 209 4.65 -14.23 -19.49
C ASP A 209 6.05 -14.47 -18.94
N LEU A 210 6.23 -15.43 -18.03
CA LEU A 210 7.55 -15.62 -17.41
C LEU A 210 8.62 -15.93 -18.45
N HIS A 211 8.24 -16.53 -19.57
CA HIS A 211 9.21 -16.92 -20.59
C HIS A 211 9.90 -15.73 -21.24
N THR A 212 9.39 -14.53 -21.04
CA THR A 212 10.00 -13.33 -21.59
C THR A 212 11.00 -12.68 -20.65
N LEU A 213 11.16 -13.21 -19.45
CA LEU A 213 11.91 -12.52 -18.43
C LEU A 213 13.33 -13.02 -18.36
N SER A 214 14.26 -12.07 -18.22
CA SER A 214 15.59 -12.33 -17.69
C SER A 214 15.50 -12.97 -16.32
N GLU A 215 16.64 -13.39 -15.78
CA GLU A 215 16.65 -14.07 -14.50
C GLU A 215 16.32 -13.11 -13.35
N ASP A 216 16.77 -11.85 -13.45
CA ASP A 216 16.43 -10.85 -12.43
C ASP A 216 14.92 -10.61 -12.36
N SER A 217 14.30 -10.38 -13.52
CA SER A 217 12.87 -10.11 -13.54
C SER A 217 12.07 -11.34 -13.12
N TYR A 218 12.51 -12.52 -13.53
CA TYR A 218 11.84 -13.75 -13.14
C TYR A 218 11.70 -13.85 -11.63
N LYS A 219 12.79 -13.57 -10.90
CA LYS A 219 12.74 -13.63 -9.44
C LYS A 219 11.72 -12.64 -8.90
N ASP A 220 11.74 -11.41 -9.42
CA ASP A 220 10.80 -10.38 -8.98
C ASP A 220 9.35 -10.85 -9.14
N SER A 221 9.00 -11.33 -10.33
CA SER A 221 7.60 -11.65 -10.59
C SER A 221 7.17 -12.89 -9.82
N THR A 222 8.05 -13.91 -9.77
CA THR A 222 7.66 -15.13 -9.08
C THR A 222 7.47 -14.90 -7.58
N LEU A 223 8.19 -13.92 -7.00
CA LEU A 223 7.99 -13.64 -5.60
C LEU A 223 6.55 -13.23 -5.32
N ILE A 224 5.99 -12.37 -6.18
CA ILE A 224 4.62 -11.92 -5.96
C ILE A 224 3.61 -12.98 -6.39
N MET A 225 3.92 -13.77 -7.41
CA MET A 225 3.04 -14.88 -7.77
C MET A 225 2.85 -15.83 -6.62
N GLN A 226 3.90 -16.03 -5.82
CA GLN A 226 3.80 -16.85 -4.63
C GLN A 226 2.74 -16.31 -3.69
N LEU A 227 2.72 -14.99 -3.48
CA LEU A 227 1.72 -14.40 -2.61
C LEU A 227 0.31 -14.54 -3.18
N LEU A 228 0.16 -14.41 -4.51
CA LEU A 228 -1.15 -14.65 -5.12
C LEU A 228 -1.62 -16.07 -4.85
N ARG A 229 -0.73 -17.03 -5.02
CA ARG A 229 -1.17 -18.39 -4.75
C ARG A 229 -1.47 -18.61 -3.27
N ASP A 230 -0.66 -18.02 -2.38
CA ASP A 230 -0.93 -18.18 -0.95
C ASP A 230 -2.34 -17.70 -0.63
N ASN A 231 -2.73 -16.54 -1.17
CA ASN A 231 -4.09 -16.05 -0.91
C ASN A 231 -5.11 -16.96 -1.57
N LEU A 232 -4.88 -17.37 -2.82
CA LEU A 232 -5.86 -18.25 -3.47
C LEU A 232 -6.02 -19.54 -2.68
N THR A 233 -4.94 -20.02 -2.06
CA THR A 233 -5.03 -21.24 -1.27
C THR A 233 -5.84 -21.01 0.00
N LEU A 234 -5.81 -19.79 0.54
CA LEU A 234 -6.67 -19.47 1.69
C LEU A 234 -8.14 -19.44 1.31
N TRP A 235 -8.45 -19.00 0.10
CA TRP A 235 -9.79 -18.57 -0.25
C TRP A 235 -10.59 -19.62 -1.00
N THR A 236 -9.96 -20.70 -1.45
CA THR A 236 -10.62 -21.73 -2.22
C THR A 236 -10.33 -23.12 -1.63
N PHE B 11 -4.15 -13.74 8.08
CA PHE B 11 -4.31 -12.53 7.30
C PHE B 11 -3.71 -12.79 5.91
N PRO B 12 -4.30 -12.23 4.86
CA PRO B 12 -3.79 -12.47 3.51
C PRO B 12 -2.64 -11.54 3.17
N ALA B 13 -1.86 -11.94 2.18
CA ALA B 13 -0.63 -11.23 1.87
C ALA B 13 -0.92 -10.00 1.00
N VAL B 15 1.48 -6.38 -0.60
CA VAL B 15 2.84 -5.85 -0.77
C VAL B 15 2.86 -4.36 -0.98
#